data_3H4N
#
_entry.id   3H4N
#
_cell.length_a   27.400
_cell.length_b   55.900
_cell.length_c   94.800
_cell.angle_alpha   90.00
_cell.angle_beta   90.00
_cell.angle_gamma   90.00
#
_symmetry.space_group_name_H-M   'P 21 21 21'
#
loop_
_entity.id
_entity.type
_entity.pdbx_description
1 polymer 'Cytochrome c7'
2 non-polymer 'PROTOPORPHYRIN IX CONTAINING FE'
3 water water
#
_entity_poly.entity_id   1
_entity_poly.type   'polypeptide(L)'
_entity_poly.pdbx_seq_one_letter_code
;HDKVVVLEAKNGNVTFDHKKHAGVKGECKACHETEAGGKIAGMGKDWAHKTCTGCHKEMGKGPTKCGECHKK
;
_entity_poly.pdbx_strand_id   A,B
#
# COMPACT_ATOMS: atom_id res chain seq x y z
N VAL A 4 -2.24 -1.51 15.50
CA VAL A 4 -1.26 -0.78 14.66
C VAL A 4 -0.75 0.45 15.39
N VAL A 5 0.33 1.01 14.87
CA VAL A 5 0.88 2.24 15.39
C VAL A 5 0.46 3.36 14.46
N VAL A 6 -0.08 4.43 15.01
CA VAL A 6 -0.39 5.64 14.26
C VAL A 6 0.69 6.68 14.54
N LEU A 7 1.49 6.98 13.53
CA LEU A 7 2.52 8.01 13.60
C LEU A 7 1.88 9.29 13.12
N GLU A 8 1.63 10.22 14.02
CA GLU A 8 0.90 11.42 13.69
C GLU A 8 1.69 12.40 12.87
N ALA A 9 1.02 13.01 11.91
CA ALA A 9 1.66 13.99 11.02
C ALA A 9 0.59 14.96 10.58
N LYS A 10 0.90 16.25 10.55
CA LYS A 10 -0.11 17.25 10.26
C LYS A 10 -0.66 17.15 8.82
N ASN A 11 0.14 16.59 7.93
CA ASN A 11 -0.23 16.36 6.53
C ASN A 11 -0.91 15.01 6.26
N GLY A 12 -1.18 14.26 7.33
CA GLY A 12 -1.89 13.00 7.29
C GLY A 12 -1.12 11.96 8.07
N ASN A 13 -1.78 11.29 9.01
CA ASN A 13 -1.15 10.27 9.83
C ASN A 13 -0.67 9.08 8.98
N VAL A 14 0.36 8.42 9.46
CA VAL A 14 0.95 7.27 8.81
C VAL A 14 0.73 6.05 9.68
N THR A 15 0.19 4.98 9.11
CA THR A 15 -0.09 3.76 9.87
C THR A 15 0.96 2.70 9.67
N PHE A 16 1.64 2.33 10.75
CA PHE A 16 2.72 1.34 10.75
C PHE A 16 2.24 0.01 11.35
N ASP A 17 2.42 -1.07 10.61
CA ASP A 17 1.94 -2.39 10.98
C ASP A 17 3.15 -3.31 11.15
N HIS A 18 3.42 -3.77 12.37
CA HIS A 18 4.55 -4.68 12.59
C HIS A 18 4.43 -5.96 11.78
N LYS A 19 3.21 -6.45 11.54
CA LYS A 19 3.02 -7.71 10.81
C LYS A 19 3.67 -7.66 9.43
N LYS A 20 3.53 -6.51 8.77
CA LYS A 20 4.08 -6.30 7.42
C LYS A 20 5.60 -6.17 7.40
N HIS A 21 6.20 -6.02 8.59
CA HIS A 21 7.61 -5.72 8.73
C HIS A 21 8.40 -6.83 9.41
N ALA A 22 7.80 -8.00 9.53
CA ALA A 22 8.56 -9.20 9.91
C ALA A 22 9.40 -9.65 8.69
N GLY A 23 10.57 -10.20 8.94
CA GLY A 23 11.40 -10.72 7.87
C GLY A 23 12.10 -9.64 7.06
N VAL A 24 12.64 -8.65 7.75
CA VAL A 24 13.49 -7.62 7.15
C VAL A 24 14.87 -7.82 7.72
N LYS A 25 15.90 -7.37 7.01
CA LYS A 25 17.27 -7.52 7.47
C LYS A 25 17.43 -6.76 8.77
N GLY A 26 18.00 -7.45 9.76
CA GLY A 26 18.20 -6.90 11.09
C GLY A 26 17.01 -7.13 12.02
N GLU A 27 15.90 -7.59 11.45
CA GLU A 27 14.65 -7.80 12.16
C GLU A 27 14.33 -6.59 13.03
N CYS A 28 14.12 -6.75 14.33
CA CYS A 28 13.71 -5.64 15.19
C CYS A 28 14.72 -4.50 15.13
N LYS A 29 16.00 -4.85 15.01
CA LYS A 29 17.07 -3.85 14.99
C LYS A 29 17.16 -3.07 13.68
N ALA A 30 16.34 -3.40 12.68
CA ALA A 30 16.19 -2.50 11.52
C ALA A 30 15.67 -1.14 11.95
N CYS A 31 14.88 -1.11 13.02
CA CYS A 31 14.24 0.12 13.46
C CYS A 31 14.52 0.49 14.91
N HIS A 32 14.78 -0.51 15.75
CA HIS A 32 14.95 -0.34 17.18
C HIS A 32 16.39 -0.55 17.58
N GLU A 33 16.81 0.08 18.67
CA GLU A 33 18.15 -0.15 19.19
C GLU A 33 18.37 -1.61 19.60
N THR A 34 17.35 -2.20 20.24
CA THR A 34 17.44 -3.57 20.76
C THR A 34 16.39 -4.51 20.20
N GLU A 35 16.64 -5.81 20.41
CA GLU A 35 15.75 -6.91 20.05
C GLU A 35 14.40 -6.83 20.76
N ALA A 36 14.34 -6.14 21.90
CA ALA A 36 13.10 -6.03 22.66
C ALA A 36 12.15 -5.01 22.05
N GLY A 37 12.71 -3.99 21.38
CA GLY A 37 11.93 -2.89 20.88
C GLY A 37 11.46 -1.94 21.98
N GLY A 38 10.64 -0.98 21.60
CA GLY A 38 10.19 0.08 22.47
C GLY A 38 9.87 1.32 21.65
N LYS A 39 9.58 2.41 22.34
CA LYS A 39 9.41 3.67 21.63
C LYS A 39 10.73 4.08 20.98
N ILE A 40 10.63 4.92 19.95
CA ILE A 40 11.79 5.35 19.18
C ILE A 40 11.90 6.87 19.38
N ALA A 41 12.82 7.28 20.24
CA ALA A 41 12.95 8.67 20.64
C ALA A 41 13.20 9.62 19.46
N GLY A 42 13.93 9.14 18.46
CA GLY A 42 14.25 9.94 17.28
C GLY A 42 13.18 10.07 16.23
N MET A 43 12.01 9.46 16.47
CA MET A 43 10.94 9.42 15.48
C MET A 43 10.47 10.83 15.10
N GLY A 44 10.31 11.02 13.81
CA GLY A 44 9.89 12.28 13.23
C GLY A 44 10.16 12.26 11.74
N LYS A 45 10.01 13.39 11.09
CA LYS A 45 10.22 13.55 9.68
C LYS A 45 11.63 13.09 9.25
N ASP A 46 12.68 13.53 9.94
CA ASP A 46 14.04 13.17 9.54
C ASP A 46 14.26 11.67 9.61
N TRP A 47 13.76 11.05 10.67
CA TRP A 47 13.91 9.61 10.88
C TRP A 47 13.17 8.87 9.78
N ALA A 48 11.91 9.24 9.57
CA ALA A 48 11.04 8.49 8.67
C ALA A 48 11.47 8.59 7.21
N HIS A 49 11.81 9.79 6.78
CA HIS A 49 12.17 10.02 5.39
C HIS A 49 13.57 9.48 5.06
N LYS A 50 14.36 9.13 6.07
CA LYS A 50 15.61 8.39 5.89
C LYS A 50 15.36 6.89 5.93
N THR A 51 14.90 6.39 7.08
CA THR A 51 14.87 4.96 7.35
C THR A 51 13.70 4.23 6.72
N CYS A 52 12.50 4.80 6.82
CA CYS A 52 11.31 4.16 6.25
C CYS A 52 11.39 4.15 4.72
N THR A 53 11.50 5.33 4.13
CA THR A 53 11.54 5.42 2.67
C THR A 53 12.78 4.70 2.13
N GLY A 54 13.91 4.79 2.84
CA GLY A 54 15.15 4.18 2.41
C GLY A 54 15.02 2.67 2.19
N CYS A 55 14.41 1.99 3.16
CA CYS A 55 14.26 0.55 3.02
C CYS A 55 13.28 0.19 1.90
N HIS A 56 12.17 0.92 1.81
CA HIS A 56 11.19 0.64 0.76
C HIS A 56 11.84 0.75 -0.63
N LYS A 57 12.70 1.73 -0.81
CA LYS A 57 13.43 1.87 -2.07
C LYS A 57 14.45 0.74 -2.25
N GLU A 58 15.13 0.34 -1.18
CA GLU A 58 16.12 -0.75 -1.28
C GLU A 58 15.48 -2.08 -1.66
N MET A 59 14.29 -2.34 -1.13
CA MET A 59 13.61 -3.61 -1.32
C MET A 59 12.70 -3.63 -2.54
N GLY A 60 12.41 -2.46 -3.10
CA GLY A 60 11.42 -2.35 -4.17
C GLY A 60 10.01 -2.70 -3.70
N LYS A 61 9.74 -2.51 -2.41
CA LYS A 61 8.47 -2.88 -1.79
C LYS A 61 8.09 -1.79 -0.83
N GLY A 62 6.80 -1.46 -0.75
CA GLY A 62 6.33 -0.52 0.23
C GLY A 62 6.22 0.90 -0.32
N PRO A 63 5.54 1.75 0.44
CA PRO A 63 5.21 3.11 -0.02
C PRO A 63 6.43 4.03 -0.13
N THR A 64 6.52 4.72 -1.27
CA THR A 64 7.60 5.68 -1.49
C THR A 64 7.15 7.10 -1.85
N LYS A 65 5.85 7.29 -2.10
CA LYS A 65 5.29 8.59 -2.47
C LYS A 65 4.53 9.17 -1.27
N CYS A 66 4.48 10.49 -1.16
CA CYS A 66 3.95 11.12 0.06
C CYS A 66 2.62 10.57 0.51
N GLY A 67 1.65 10.52 -0.41
CA GLY A 67 0.29 10.12 -0.09
C GLY A 67 0.11 8.65 0.13
N GLU A 68 1.09 7.84 -0.27
CA GLU A 68 1.09 6.41 0.06
C GLU A 68 1.33 6.15 1.55
N CYS A 69 2.05 7.06 2.23
CA CYS A 69 2.17 6.99 3.68
C CYS A 69 1.20 7.91 4.41
N HIS A 70 1.17 9.18 4.02
CA HIS A 70 0.38 10.22 4.71
C HIS A 70 -1.06 10.21 4.21
N LYS A 71 -1.97 9.88 5.11
CA LYS A 71 -3.38 9.71 4.75
C LYS A 71 -4.28 10.55 5.66
N LYS B 3 -14.56 11.19 -9.53
CA LYS B 3 -15.61 10.14 -9.55
C LYS B 3 -14.98 8.77 -9.37
N VAL B 4 -15.46 8.02 -8.37
CA VAL B 4 -14.96 6.67 -8.11
C VAL B 4 -15.85 5.62 -8.75
N VAL B 5 -15.27 4.46 -9.05
CA VAL B 5 -16.04 3.36 -9.61
C VAL B 5 -16.41 2.38 -8.50
N VAL B 6 -17.65 1.91 -8.56
CA VAL B 6 -18.20 0.95 -7.62
C VAL B 6 -18.16 -0.43 -8.28
N LEU B 7 -17.50 -1.37 -7.62
CA LEU B 7 -17.42 -2.75 -8.11
C LEU B 7 -18.25 -3.57 -7.13
N GLU B 8 -19.43 -4.00 -7.56
CA GLU B 8 -20.41 -4.58 -6.64
C GLU B 8 -20.04 -5.98 -6.18
N ALA B 9 -20.27 -6.26 -4.91
CA ALA B 9 -19.98 -7.56 -4.35
C ALA B 9 -20.91 -7.85 -3.18
N LYS B 10 -21.36 -9.11 -3.07
CA LYS B 10 -22.34 -9.50 -2.05
C LYS B 10 -21.83 -9.32 -0.64
N ASN B 11 -20.51 -9.38 -0.48
CA ASN B 11 -19.86 -9.28 0.81
C ASN B 11 -19.41 -7.85 1.15
N GLY B 12 -19.74 -6.89 0.26
CA GLY B 12 -19.36 -5.51 0.43
C GLY B 12 -18.77 -4.95 -0.86
N ASN B 13 -19.35 -3.87 -1.38
CA ASN B 13 -18.87 -3.26 -2.61
C ASN B 13 -17.44 -2.76 -2.44
N VAL B 14 -16.68 -2.77 -3.53
CA VAL B 14 -15.30 -2.32 -3.54
C VAL B 14 -15.21 -1.00 -4.32
N THR B 15 -14.50 -0.03 -3.77
CA THR B 15 -14.35 1.26 -4.44
C THR B 15 -13.00 1.28 -5.15
N PHE B 16 -12.99 1.72 -6.40
CA PHE B 16 -11.76 1.87 -7.17
C PHE B 16 -11.62 3.32 -7.60
N ASP B 17 -10.45 3.88 -7.37
CA ASP B 17 -10.18 5.30 -7.63
C ASP B 17 -9.07 5.42 -8.68
N HIS B 18 -9.39 5.90 -9.87
CA HIS B 18 -8.39 6.08 -10.93
C HIS B 18 -7.25 6.98 -10.49
N LYS B 19 -7.57 8.07 -9.78
CA LYS B 19 -6.55 9.02 -9.35
C LYS B 19 -5.48 8.37 -8.46
N LYS B 20 -5.87 7.45 -7.59
CA LYS B 20 -4.92 6.74 -6.73
C LYS B 20 -4.00 5.81 -7.52
N HIS B 21 -4.43 5.43 -8.72
CA HIS B 21 -3.70 4.48 -9.58
C HIS B 21 -2.98 5.12 -10.77
N ALA B 22 -2.87 6.43 -10.78
CA ALA B 22 -2.29 7.14 -11.92
C ALA B 22 -0.86 6.74 -12.28
N GLY B 23 -0.05 6.36 -11.30
CA GLY B 23 1.36 6.07 -11.56
C GLY B 23 1.75 4.62 -11.79
N VAL B 24 0.79 3.70 -11.87
CA VAL B 24 1.12 2.26 -11.77
C VAL B 24 1.87 1.72 -12.98
N LYS B 25 2.60 0.62 -12.78
CA LYS B 25 3.30 -0.05 -13.87
C LYS B 25 2.30 -0.50 -14.94
N GLY B 26 2.63 -0.16 -16.19
CA GLY B 26 1.77 -0.48 -17.32
C GLY B 26 0.75 0.60 -17.61
N GLU B 27 0.66 1.62 -16.75
CA GLU B 27 -0.31 2.70 -16.90
C GLU B 27 -1.72 2.08 -17.12
N CYS B 28 -2.49 2.53 -18.12
CA CYS B 28 -3.85 2.06 -18.30
C CYS B 28 -3.92 0.56 -18.56
N LYS B 29 -2.88 0.03 -19.21
CA LYS B 29 -2.83 -1.39 -19.59
C LYS B 29 -2.58 -2.34 -18.42
N ALA B 30 -2.39 -1.81 -17.22
CA ALA B 30 -2.41 -2.65 -16.02
C ALA B 30 -3.78 -3.30 -15.81
N CYS B 31 -4.83 -2.66 -16.32
CA CYS B 31 -6.20 -3.11 -16.12
C CYS B 31 -7.02 -3.19 -17.39
N HIS B 32 -6.66 -2.37 -18.39
CA HIS B 32 -7.38 -2.23 -19.65
C HIS B 32 -6.60 -2.80 -20.83
N GLU B 33 -7.27 -2.94 -21.96
CA GLU B 33 -6.65 -3.36 -23.21
C GLU B 33 -5.72 -2.31 -23.80
N THR B 34 -6.13 -1.04 -23.75
CA THR B 34 -5.36 0.04 -24.36
C THR B 34 -5.39 1.32 -23.56
N GLU B 35 -4.66 2.32 -24.04
CA GLU B 35 -4.65 3.66 -23.47
C GLU B 35 -6.02 4.37 -23.50
N ALA B 36 -6.98 3.87 -24.28
CA ALA B 36 -8.31 4.45 -24.32
C ALA B 36 -9.11 4.11 -23.06
N GLY B 37 -8.90 2.92 -22.52
CA GLY B 37 -9.72 2.39 -21.45
C GLY B 37 -11.12 2.07 -21.92
N GLY B 38 -11.96 1.65 -20.98
CA GLY B 38 -13.34 1.28 -21.24
C GLY B 38 -13.80 0.33 -20.16
N LYS B 39 -14.96 -0.28 -20.35
CA LYS B 39 -15.40 -1.33 -19.44
C LYS B 39 -14.45 -2.52 -19.55
N ILE B 40 -14.34 -3.30 -18.48
CA ILE B 40 -13.42 -4.42 -18.41
C ILE B 40 -14.23 -5.71 -18.49
N ALA B 41 -14.15 -6.40 -19.62
CA ALA B 41 -14.97 -7.59 -19.86
C ALA B 41 -14.81 -8.66 -18.78
N GLY B 42 -13.60 -8.80 -18.28
CA GLY B 42 -13.30 -9.81 -17.27
C GLY B 42 -13.72 -9.50 -15.85
N MET B 43 -14.26 -8.31 -15.60
CA MET B 43 -14.52 -7.88 -14.23
C MET B 43 -15.39 -8.89 -13.48
N GLY B 44 -14.95 -9.21 -12.28
CA GLY B 44 -15.54 -10.22 -11.43
C GLY B 44 -14.52 -10.67 -10.41
N LYS B 45 -14.90 -11.56 -9.52
CA LYS B 45 -14.03 -12.01 -8.47
C LYS B 45 -12.69 -12.55 -8.96
N ASP B 46 -12.73 -13.43 -9.95
CA ASP B 46 -11.52 -14.14 -10.33
C ASP B 46 -10.50 -13.18 -10.94
N TRP B 47 -10.94 -12.30 -11.81
CA TRP B 47 -10.07 -11.33 -12.44
C TRP B 47 -9.56 -10.32 -11.40
N ALA B 48 -10.43 -9.88 -10.51
CA ALA B 48 -10.07 -8.88 -9.50
C ALA B 48 -9.09 -9.42 -8.46
N HIS B 49 -9.35 -10.62 -7.94
CA HIS B 49 -8.41 -11.20 -6.97
C HIS B 49 -7.04 -11.45 -7.59
N LYS B 50 -7.00 -11.84 -8.86
CA LYS B 50 -5.73 -12.00 -9.57
C LYS B 50 -5.04 -10.66 -9.80
N THR B 51 -5.76 -9.71 -10.37
CA THR B 51 -5.16 -8.48 -10.89
C THR B 51 -4.95 -7.43 -9.79
N CYS B 52 -6.00 -7.14 -9.05
CA CYS B 52 -5.98 -6.12 -8.02
C CYS B 52 -5.08 -6.55 -6.86
N THR B 53 -5.42 -7.66 -6.21
CA THR B 53 -4.63 -8.12 -5.07
C THR B 53 -3.22 -8.47 -5.53
N GLY B 54 -3.09 -9.04 -6.73
CA GLY B 54 -1.79 -9.42 -7.25
C GLY B 54 -0.82 -8.25 -7.28
N CYS B 55 -1.24 -7.13 -7.84
CA CYS B 55 -0.33 -5.96 -7.87
C CYS B 55 -0.02 -5.46 -6.47
N HIS B 56 -1.03 -5.35 -5.63
CA HIS B 56 -0.84 -4.85 -4.28
C HIS B 56 0.20 -5.69 -3.53
N LYS B 57 0.09 -7.01 -3.67
CA LYS B 57 1.01 -7.94 -3.01
C LYS B 57 2.42 -7.81 -3.60
N GLU B 58 2.52 -7.74 -4.93
CA GLU B 58 3.82 -7.64 -5.59
C GLU B 58 4.56 -6.38 -5.18
N MET B 59 3.85 -5.26 -5.10
CA MET B 59 4.46 -3.97 -4.85
C MET B 59 4.58 -3.67 -3.36
N GLY B 60 3.92 -4.43 -2.50
CA GLY B 60 3.89 -4.11 -1.08
C GLY B 60 3.17 -2.81 -0.75
N LYS B 61 2.25 -2.39 -1.61
CA LYS B 61 1.43 -1.19 -1.44
C LYS B 61 0.00 -1.52 -1.83
N GLY B 62 -0.99 -1.01 -1.10
CA GLY B 62 -2.37 -1.22 -1.46
C GLY B 62 -2.98 -2.38 -0.67
N PRO B 63 -4.30 -2.45 -0.65
CA PRO B 63 -5.01 -3.42 0.19
C PRO B 63 -4.86 -4.87 -0.22
N THR B 64 -4.59 -5.73 0.76
CA THR B 64 -4.49 -7.17 0.49
C THR B 64 -5.41 -8.04 1.35
N LYS B 65 -6.10 -7.43 2.32
CA LYS B 65 -7.00 -8.14 3.23
C LYS B 65 -8.44 -7.91 2.76
N CYS B 66 -9.32 -8.90 2.99
CA CYS B 66 -10.71 -8.83 2.50
C CYS B 66 -11.39 -7.52 2.85
N GLY B 67 -11.36 -7.15 4.13
CA GLY B 67 -12.06 -5.97 4.62
C GLY B 67 -11.45 -4.65 4.25
N GLU B 68 -10.22 -4.67 3.74
CA GLU B 68 -9.58 -3.47 3.21
C GLU B 68 -10.13 -3.09 1.82
N CYS B 69 -10.68 -4.04 1.09
CA CYS B 69 -11.35 -3.77 -0.20
C CYS B 69 -12.86 -3.79 -0.09
N HIS B 70 -13.39 -4.83 0.55
CA HIS B 70 -14.83 -5.04 0.68
C HIS B 70 -15.33 -4.21 1.88
N LYS B 71 -15.72 -2.98 1.60
CA LYS B 71 -16.08 -1.97 2.60
C LYS B 71 -16.53 -0.73 1.87
#